data_6T06
#
_entry.id   6T06
#
_cell.length_a   39.364
_cell.length_b   102.844
_cell.length_c   42.033
_cell.angle_alpha   90.000
_cell.angle_beta   106.037
_cell.angle_gamma   90.000
#
_symmetry.space_group_name_H-M   'P 1 21 1'
#
loop_
_entity.id
_entity.type
_entity.pdbx_description
1 polymer YTHDC1
2 non-polymer 'SULFATE ION'
3 non-polymer 3-imidazolidin-2-yl-2~{H}-indazole
4 water water
#
_entity_poly.entity_id   1
_entity_poly.type   'polypeptide(L)'
_entity_poly.pdbx_seq_one_letter_code
;MHHHHHHSSGRENLYFQGTSKLKYVLQDARFFLIKSNNHENVSLAKAKGVWSTLPVNEKKLNLAFRSARSVILIFSVRES
GKFQGFARLSSESHHGGSPIHWVLPAGMSAKMLGGVFKIDWICRRELPFTKSAHLTNPWNEHKPVKIGRDGQEIELECGT
QLCLLFPPDESIDLYQVIHKMRH
;
_entity_poly.pdbx_strand_id   A,B
#
loop_
_chem_comp.id
_chem_comp.type
_chem_comp.name
_chem_comp.formula
M5H non-polymer 3-imidazolidin-2-yl-2~{H}-indazole 'C10 H12 N4'
SO4 non-polymer 'SULFATE ION' 'O4 S -2'
#
# COMPACT_ATOMS: atom_id res chain seq x y z
N GLY A 18 18.65 11.07 -15.55
CA GLY A 18 17.22 11.34 -15.69
C GLY A 18 16.31 10.11 -15.73
N THR A 19 15.02 10.33 -15.47
CA THR A 19 14.04 9.25 -15.34
C THR A 19 13.22 8.98 -16.61
N SER A 20 13.39 9.77 -17.66
CA SER A 20 12.49 9.71 -18.80
C SER A 20 12.63 8.40 -19.56
N LYS A 21 13.86 8.02 -19.93
CA LYS A 21 14.04 6.72 -20.62
C LYS A 21 13.59 5.57 -19.73
N LEU A 22 13.73 5.73 -18.40
CA LEU A 22 13.21 4.70 -17.50
C LEU A 22 11.69 4.60 -17.64
N LYS A 23 10.99 5.74 -17.59
CA LYS A 23 9.54 5.72 -17.78
C LYS A 23 9.18 5.07 -19.10
N TYR A 24 9.96 5.36 -20.15
CA TYR A 24 9.73 4.72 -21.45
C TYR A 24 9.82 3.20 -21.34
N VAL A 25 10.85 2.70 -20.66
CA VAL A 25 11.05 1.26 -20.51
C VAL A 25 9.91 0.64 -19.70
N LEU A 26 9.37 1.38 -18.72
CA LEU A 26 8.34 0.84 -17.84
C LEU A 26 6.94 0.89 -18.47
N GLN A 27 6.75 1.71 -19.50
CA GLN A 27 5.46 1.82 -20.18
C GLN A 27 4.87 0.47 -20.50
N ASP A 28 3.71 0.20 -19.90
CA ASP A 28 2.91 -1.00 -20.17
C ASP A 28 3.70 -2.28 -19.95
N ALA A 29 4.68 -2.24 -19.05
CA ALA A 29 5.43 -3.42 -18.65
C ALA A 29 4.60 -4.27 -17.69
N ARG A 30 5.06 -5.50 -17.50
CA ARG A 30 4.57 -6.36 -16.44
C ARG A 30 5.66 -6.54 -15.38
N PHE A 31 5.24 -6.67 -14.12
CA PHE A 31 6.14 -6.66 -12.98
C PHE A 31 5.96 -7.91 -12.14
N PHE A 32 7.05 -8.45 -11.64
CA PHE A 32 6.97 -9.65 -10.82
C PHE A 32 7.92 -9.53 -9.63
N LEU A 33 7.40 -9.90 -8.46
CA LEU A 33 8.23 -9.90 -7.25
C LEU A 33 9.07 -11.16 -7.26
N ILE A 34 10.39 -10.99 -7.20
CA ILE A 34 11.33 -12.08 -7.06
C ILE A 34 11.83 -12.09 -5.62
N LYS A 35 11.58 -13.18 -4.91
CA LYS A 35 12.07 -13.37 -3.55
C LYS A 35 13.27 -14.31 -3.59
N SER A 36 14.39 -13.88 -3.02
CA SER A 36 15.55 -14.75 -2.89
C SER A 36 15.88 -14.97 -1.41
N ASN A 37 16.35 -16.17 -1.11
CA ASN A 37 16.63 -16.51 0.27
C ASN A 37 18.04 -16.13 0.71
N ASN A 38 18.90 -15.68 -0.21
CA ASN A 38 20.26 -15.30 0.14
C ASN A 38 20.78 -14.25 -0.82
N HIS A 39 21.78 -13.51 -0.36
CA HIS A 39 22.38 -12.48 -1.20
C HIS A 39 23.24 -13.05 -2.32
N GLU A 40 23.80 -14.25 -2.09
CA GLU A 40 24.69 -14.87 -3.06
C GLU A 40 24.03 -15.00 -4.44
N ASN A 41 22.74 -15.31 -4.48
CA ASN A 41 22.09 -15.57 -5.76
C ASN A 41 21.83 -14.26 -6.51
N VAL A 42 21.46 -13.21 -5.78
CA VAL A 42 21.24 -11.92 -6.42
C VAL A 42 22.57 -11.31 -6.84
N SER A 43 23.65 -11.63 -6.13
CA SER A 43 24.97 -11.18 -6.57
C SER A 43 25.35 -11.88 -7.86
N LEU A 44 25.07 -13.18 -7.95
CA LEU A 44 25.33 -13.91 -9.18
C LEU A 44 24.47 -13.40 -10.32
N ALA A 45 23.20 -13.10 -10.04
CA ALA A 45 22.33 -12.54 -11.06
C ALA A 45 22.86 -11.19 -11.56
N LYS A 46 23.29 -10.34 -10.64
CA LYS A 46 23.85 -9.04 -11.04
C LYS A 46 25.11 -9.21 -11.88
N ALA A 47 25.93 -10.20 -11.56
CA ALA A 47 27.20 -10.40 -12.25
C ALA A 47 27.03 -11.03 -13.63
N LYS A 48 26.06 -11.92 -13.80
CA LYS A 48 25.97 -12.73 -15.01
C LYS A 48 24.71 -12.45 -15.84
N GLY A 49 23.85 -11.54 -15.41
CA GLY A 49 22.70 -11.18 -16.23
C GLY A 49 21.77 -12.32 -16.53
N VAL A 50 21.56 -13.21 -15.55
CA VAL A 50 20.72 -14.39 -15.68
C VAL A 50 19.84 -14.49 -14.44
N TRP A 51 18.78 -15.29 -14.56
CA TRP A 51 18.01 -15.72 -13.40
C TRP A 51 17.37 -17.05 -13.74
N SER A 52 17.10 -17.84 -12.71
CA SER A 52 16.41 -19.11 -12.87
C SER A 52 15.42 -19.25 -11.72
N THR A 53 14.27 -19.84 -12.00
CA THR A 53 13.20 -19.96 -11.00
C THR A 53 12.49 -21.29 -11.17
N LEU A 54 11.62 -21.61 -10.20
CA LEU A 54 10.92 -22.88 -10.24
C LEU A 54 9.88 -22.89 -11.37
N PRO A 55 9.53 -24.07 -11.89
CA PRO A 55 8.70 -24.15 -13.11
C PRO A 55 7.37 -23.38 -13.06
N VAL A 56 6.66 -23.35 -11.93
CA VAL A 56 5.39 -22.62 -11.90
C VAL A 56 5.62 -21.14 -12.23
N ASN A 57 6.72 -20.57 -11.73
CA ASN A 57 7.09 -19.20 -12.06
C ASN A 57 7.71 -19.10 -13.46
N GLU A 58 8.46 -20.12 -13.88
CA GLU A 58 9.02 -20.14 -15.23
C GLU A 58 7.92 -20.00 -16.27
N LYS A 59 6.84 -20.79 -16.14
CA LYS A 59 5.73 -20.72 -17.09
C LYS A 59 5.03 -19.37 -17.03
N LYS A 60 4.90 -18.78 -15.86
CA LYS A 60 4.29 -17.45 -15.77
C LYS A 60 5.13 -16.41 -16.50
N LEU A 61 6.42 -16.37 -16.19
CA LEU A 61 7.31 -15.41 -16.83
C LEU A 61 7.38 -15.64 -18.34
N ASN A 62 7.42 -16.90 -18.79
CA ASN A 62 7.49 -17.13 -20.22
C ASN A 62 6.24 -16.61 -20.93
N LEU A 63 5.05 -16.85 -20.35
CA LEU A 63 3.83 -16.29 -20.90
C LEU A 63 3.88 -14.77 -20.91
N ALA A 64 4.39 -14.17 -19.83
CA ALA A 64 4.41 -12.72 -19.75
C ALA A 64 5.41 -12.13 -20.75
N PHE A 65 6.52 -12.84 -21.03
CA PHE A 65 7.53 -12.31 -21.96
C PHE A 65 6.99 -12.15 -23.37
N ARG A 66 6.23 -13.15 -23.86
CA ARG A 66 5.59 -13.06 -25.18
C ARG A 66 4.46 -12.04 -25.21
N SER A 67 3.97 -11.64 -24.06
CA SER A 67 2.79 -10.82 -23.91
C SER A 67 3.08 -9.31 -23.84
N ALA A 68 4.23 -8.88 -23.34
CA ALA A 68 4.42 -7.47 -23.00
C ALA A 68 5.70 -6.92 -23.61
N ARG A 69 5.72 -5.60 -23.79
CA ARG A 69 6.92 -4.94 -24.28
C ARG A 69 8.10 -5.17 -23.34
N SER A 70 7.85 -5.13 -22.02
CA SER A 70 8.86 -5.33 -20.99
C SER A 70 8.29 -6.14 -19.85
N VAL A 71 9.09 -7.08 -19.33
CA VAL A 71 8.74 -7.87 -18.15
C VAL A 71 9.82 -7.61 -17.11
N ILE A 72 9.45 -6.95 -16.01
CA ILE A 72 10.39 -6.48 -14.99
C ILE A 72 10.33 -7.39 -13.76
N LEU A 73 11.51 -7.86 -13.34
CA LEU A 73 11.68 -8.55 -12.07
C LEU A 73 12.17 -7.56 -11.03
N ILE A 74 11.54 -7.54 -9.86
CA ILE A 74 11.99 -6.73 -8.73
C ILE A 74 12.45 -7.67 -7.62
N PHE A 75 13.73 -7.55 -7.24
CA PHE A 75 14.40 -8.52 -6.38
C PHE A 75 14.38 -8.08 -4.92
N SER A 76 14.07 -9.02 -4.04
CA SER A 76 14.21 -8.81 -2.60
C SER A 76 14.83 -10.06 -2.01
N VAL A 77 15.87 -9.86 -1.21
CA VAL A 77 16.45 -10.97 -0.45
C VAL A 77 15.69 -11.09 0.85
N ARG A 78 15.27 -12.31 1.16
CA ARG A 78 14.46 -12.55 2.35
C ARG A 78 15.25 -12.24 3.60
N GLU A 79 14.68 -11.39 4.45
CA GLU A 79 15.15 -10.98 5.78
C GLU A 79 16.04 -9.74 5.70
N SER A 80 16.28 -9.19 4.51
CA SER A 80 17.11 -8.01 4.36
C SER A 80 16.35 -6.71 4.64
N GLY A 81 15.04 -6.69 4.44
CA GLY A 81 14.27 -5.48 4.61
C GLY A 81 14.34 -4.53 3.44
N LYS A 82 14.87 -4.96 2.30
CA LYS A 82 15.04 -4.09 1.14
C LYS A 82 14.73 -4.86 -0.13
N PHE A 83 14.63 -4.12 -1.22
CA PHE A 83 14.79 -4.63 -2.56
C PHE A 83 16.22 -4.36 -3.02
N GLN A 84 16.77 -5.27 -3.83
CA GLN A 84 18.16 -5.17 -4.21
C GLN A 84 18.38 -4.60 -5.61
N GLY A 85 17.32 -4.25 -6.34
CA GLY A 85 17.40 -3.73 -7.68
C GLY A 85 16.28 -4.33 -8.51
N PHE A 86 16.27 -4.02 -9.82
CA PHE A 86 15.33 -4.69 -10.74
C PHE A 86 15.93 -4.79 -12.14
N ALA A 87 15.36 -5.72 -12.92
CA ALA A 87 15.93 -6.08 -14.21
C ALA A 87 14.82 -6.39 -15.21
N ARG A 88 15.21 -6.44 -16.50
CA ARG A 88 14.29 -6.70 -17.59
C ARG A 88 14.63 -8.01 -18.28
N LEU A 89 13.60 -8.84 -18.50
CA LEU A 89 13.78 -10.05 -19.30
C LEU A 89 14.22 -9.71 -20.72
N SER A 90 15.27 -10.37 -21.18
CA SER A 90 15.64 -10.26 -22.58
C SER A 90 15.47 -11.59 -23.33
N SER A 91 15.12 -12.65 -22.62
CA SER A 91 14.94 -13.95 -23.26
C SER A 91 13.78 -14.67 -22.59
N GLU A 92 13.27 -15.69 -23.27
CA GLU A 92 12.57 -16.72 -22.57
C GLU A 92 13.58 -17.61 -21.84
N SER A 93 13.07 -18.45 -20.96
CA SER A 93 13.97 -19.39 -20.31
C SER A 93 14.49 -20.38 -21.34
N HIS A 94 15.76 -20.77 -21.19
CA HIS A 94 16.35 -21.78 -22.04
C HIS A 94 17.23 -22.67 -21.16
N HIS A 95 17.30 -23.95 -21.52
CA HIS A 95 17.98 -24.95 -20.68
C HIS A 95 19.38 -25.26 -21.20
N SER A 98 26.20 -23.16 -19.42
CA SER A 98 27.14 -23.24 -18.29
C SER A 98 26.39 -23.24 -16.97
N PRO A 99 26.48 -24.33 -16.23
CA PRO A 99 25.70 -24.45 -14.98
C PRO A 99 26.02 -23.29 -14.05
N ILE A 100 24.97 -22.66 -13.55
CA ILE A 100 25.10 -21.53 -12.64
C ILE A 100 25.10 -22.06 -11.22
N HIS A 101 26.13 -21.69 -10.46
CA HIS A 101 26.33 -22.24 -9.12
C HIS A 101 25.53 -21.43 -8.10
N TRP A 102 24.21 -21.49 -8.23
CA TRP A 102 23.36 -20.91 -7.20
C TRP A 102 23.56 -21.63 -5.88
N VAL A 103 23.17 -20.95 -4.79
CA VAL A 103 23.11 -21.54 -3.46
C VAL A 103 21.66 -21.93 -3.22
N LEU A 104 21.33 -23.18 -3.50
CA LEU A 104 19.95 -23.67 -3.53
C LEU A 104 19.32 -23.85 -2.13
N MET A 112 15.64 -29.24 -9.59
CA MET A 112 14.21 -28.93 -9.46
C MET A 112 13.91 -27.59 -10.12
N LEU A 113 14.97 -26.87 -10.50
CA LEU A 113 14.84 -25.58 -11.15
C LEU A 113 14.45 -25.75 -12.61
N GLY A 114 14.08 -24.64 -13.23
CA GLY A 114 13.73 -24.56 -14.63
C GLY A 114 14.86 -24.05 -15.48
N GLY A 115 14.50 -23.46 -16.61
CA GLY A 115 15.47 -22.87 -17.50
C GLY A 115 16.07 -21.59 -16.94
N VAL A 116 16.89 -20.95 -17.76
CA VAL A 116 17.57 -19.73 -17.38
C VAL A 116 17.02 -18.61 -18.26
N PHE A 117 16.54 -17.55 -17.62
CA PHE A 117 16.27 -16.31 -18.31
C PHE A 117 17.54 -15.47 -18.33
N LYS A 118 17.80 -14.83 -19.47
CA LYS A 118 18.77 -13.75 -19.49
C LYS A 118 18.04 -12.45 -19.14
N ILE A 119 18.67 -11.62 -18.32
CA ILE A 119 18.09 -10.36 -17.90
C ILE A 119 19.07 -9.23 -18.16
N ASP A 120 18.52 -8.03 -18.34
CA ASP A 120 19.26 -6.77 -18.36
C ASP A 120 18.91 -5.95 -17.13
N TRP A 121 19.93 -5.59 -16.36
CA TRP A 121 19.70 -4.85 -15.14
C TRP A 121 19.38 -3.40 -15.45
N ILE A 122 18.35 -2.89 -14.79
CA ILE A 122 17.96 -1.50 -14.93
C ILE A 122 18.38 -0.70 -13.70
N CYS A 123 18.51 -1.35 -12.54
CA CYS A 123 18.93 -0.68 -11.30
C CYS A 123 19.54 -1.74 -10.42
N ARG A 124 20.79 -1.54 -10.01
CA ARG A 124 21.44 -2.45 -9.08
C ARG A 124 21.47 -1.87 -7.67
N ARG A 125 20.75 -0.78 -7.42
CA ARG A 125 20.73 -0.10 -6.13
C ARG A 125 19.63 -0.66 -5.24
N GLU A 126 19.88 -0.62 -3.93
CA GLU A 126 18.93 -1.08 -2.93
C GLU A 126 17.83 -0.06 -2.71
N LEU A 127 16.73 -0.52 -2.12
CA LEU A 127 15.65 0.37 -1.71
C LEU A 127 14.98 -0.21 -0.47
N PRO A 128 15.02 0.50 0.65
CA PRO A 128 14.47 -0.09 1.88
C PRO A 128 12.96 -0.15 1.84
N PHE A 129 12.41 -1.21 2.45
CA PHE A 129 10.96 -1.40 2.47
C PHE A 129 10.26 -0.18 3.04
N THR A 130 10.91 0.53 3.96
CA THR A 130 10.32 1.71 4.58
C THR A 130 10.00 2.82 3.57
N LYS A 131 10.69 2.86 2.43
CA LYS A 131 10.38 3.87 1.42
C LYS A 131 9.23 3.48 0.49
N SER A 132 8.79 2.21 0.52
CA SER A 132 7.68 1.73 -0.31
C SER A 132 6.44 1.38 0.51
N ALA A 133 6.32 1.94 1.73
CA ALA A 133 5.21 1.60 2.61
C ALA A 133 3.86 2.07 2.07
N HIS A 134 3.85 3.16 1.29
CA HIS A 134 2.66 3.72 0.68
C HIS A 134 2.20 3.00 -0.58
N LEU A 135 2.83 1.89 -0.98
CA LEU A 135 2.49 1.19 -2.21
C LEU A 135 1.88 -0.17 -1.88
N THR A 136 0.63 -0.35 -2.28
CA THR A 136 -0.08 -1.60 -2.10
C THR A 136 -0.26 -2.26 -3.46
N ASN A 137 -0.36 -3.59 -3.46
CA ASN A 137 -0.45 -4.35 -4.71
C ASN A 137 -1.83 -4.97 -4.87
N PRO A 138 -2.71 -4.41 -5.71
CA PRO A 138 -4.07 -4.98 -5.86
C PRO A 138 -4.09 -6.46 -6.20
N TRP A 139 -3.06 -6.98 -6.87
CA TRP A 139 -3.05 -8.40 -7.20
C TRP A 139 -2.62 -9.27 -6.03
N ASN A 140 -2.30 -8.68 -4.88
CA ASN A 140 -2.10 -9.41 -3.64
C ASN A 140 -2.89 -8.76 -2.49
N GLU A 141 -4.20 -8.68 -2.67
CA GLU A 141 -5.12 -8.18 -1.64
C GLU A 141 -4.76 -6.78 -1.13
N HIS A 142 -4.08 -5.98 -1.95
CA HIS A 142 -3.70 -4.62 -1.59
C HIS A 142 -2.80 -4.62 -0.34
N LYS A 143 -2.07 -5.71 -0.16
CA LYS A 143 -1.02 -5.72 0.83
C LYS A 143 0.16 -4.88 0.33
N PRO A 144 0.93 -4.29 1.24
CA PRO A 144 2.11 -3.54 0.81
C PRO A 144 2.97 -4.36 -0.13
N VAL A 145 3.53 -3.69 -1.14
CA VAL A 145 4.12 -4.40 -2.27
C VAL A 145 5.29 -5.30 -1.86
N LYS A 146 5.93 -5.01 -0.71
CA LYS A 146 7.00 -5.87 -0.23
C LYS A 146 6.51 -7.25 0.19
N ILE A 147 5.24 -7.42 0.50
CA ILE A 147 4.73 -8.72 0.89
C ILE A 147 4.32 -9.45 -0.36
N GLY A 148 4.75 -10.69 -0.48
CA GLY A 148 4.44 -11.47 -1.64
C GLY A 148 5.25 -12.75 -1.70
N ARG A 149 4.67 -13.79 -2.29
CA ARG A 149 5.42 -14.99 -2.57
C ARG A 149 6.36 -14.73 -3.75
N ASP A 150 7.43 -15.53 -3.82
CA ASP A 150 8.34 -15.52 -4.96
C ASP A 150 7.56 -15.78 -6.24
N GLY A 151 7.63 -14.86 -7.21
CA GLY A 151 6.86 -14.95 -8.43
C GLY A 151 5.59 -14.12 -8.48
N GLN A 152 5.18 -13.54 -7.36
CA GLN A 152 3.94 -12.78 -7.31
C GLN A 152 3.97 -11.62 -8.30
N GLU A 153 2.90 -11.49 -9.08
CA GLU A 153 2.80 -10.38 -10.02
C GLU A 153 2.39 -9.09 -9.32
N ILE A 154 3.01 -7.99 -9.72
CA ILE A 154 2.68 -6.66 -9.20
C ILE A 154 1.94 -5.90 -10.29
N GLU A 155 0.74 -5.42 -9.95
CA GLU A 155 -0.08 -4.57 -10.81
C GLU A 155 0.71 -3.39 -11.41
N LEU A 156 0.23 -2.91 -12.55
CA LEU A 156 0.97 -1.96 -13.39
C LEU A 156 1.41 -0.73 -12.62
N GLU A 157 0.45 -0.02 -12.01
CA GLU A 157 0.79 1.30 -11.49
C GLU A 157 1.64 1.20 -10.23
N CYS A 158 1.33 0.22 -9.38
CA CYS A 158 2.14 -0.06 -8.20
C CYS A 158 3.57 -0.42 -8.60
N GLY A 159 3.72 -1.30 -9.59
CA GLY A 159 5.05 -1.71 -10.01
C GLY A 159 5.84 -0.57 -10.61
N THR A 160 5.15 0.29 -11.35
CA THR A 160 5.81 1.43 -11.97
C THR A 160 6.32 2.39 -10.91
N GLN A 161 5.47 2.74 -9.95
CA GLN A 161 5.88 3.65 -8.89
C GLN A 161 6.93 3.02 -7.98
N LEU A 162 6.88 1.71 -7.79
CA LEU A 162 7.92 1.05 -7.03
C LEU A 162 9.27 1.21 -7.70
N CYS A 163 9.31 1.03 -9.02
CA CYS A 163 10.57 1.13 -9.76
C CYS A 163 11.13 2.55 -9.73
N LEU A 164 10.27 3.55 -9.88
CA LEU A 164 10.67 4.95 -9.82
C LEU A 164 11.12 5.37 -8.44
N LEU A 165 10.89 4.57 -7.40
CA LEU A 165 11.33 4.91 -6.06
C LEU A 165 12.80 4.63 -5.83
N PHE A 166 13.39 3.72 -6.63
CA PHE A 166 14.78 3.32 -6.46
C PHE A 166 15.72 4.51 -6.70
N PRO A 167 16.87 4.55 -6.03
CA PRO A 167 17.88 5.58 -6.36
C PRO A 167 18.38 5.36 -7.77
N PRO A 168 18.51 6.42 -8.56
CA PRO A 168 19.04 6.27 -9.92
C PRO A 168 20.41 5.58 -9.94
N ASP A 169 20.53 4.57 -10.79
CA ASP A 169 21.77 3.84 -11.04
C ASP A 169 22.46 4.51 -12.23
N GLU A 170 23.52 5.28 -11.93
CA GLU A 170 24.18 6.09 -12.94
C GLU A 170 25.04 5.26 -13.89
N SER A 171 25.38 4.04 -13.50
CA SER A 171 26.18 3.12 -14.30
C SER A 171 25.41 2.47 -15.44
N ILE A 172 24.08 2.58 -15.48
CA ILE A 172 23.29 1.86 -16.46
C ILE A 172 22.84 2.78 -17.58
N ASP A 173 22.89 2.27 -18.82
CA ASP A 173 22.47 2.99 -20.01
C ASP A 173 21.29 2.24 -20.61
N LEU A 174 20.12 2.87 -20.57
CA LEU A 174 18.88 2.23 -21.03
C LEU A 174 18.75 2.21 -22.54
N TYR A 175 19.67 2.86 -23.25
CA TYR A 175 19.60 2.92 -24.71
C TYR A 175 19.65 1.52 -25.31
N GLN A 176 20.56 0.69 -24.81
CA GLN A 176 20.65 -0.69 -25.26
C GLN A 176 19.34 -1.42 -24.96
N VAL A 177 18.77 -1.18 -23.79
CA VAL A 177 17.57 -1.88 -23.37
C VAL A 177 16.37 -1.47 -24.22
N ILE A 178 16.25 -0.17 -24.49
CA ILE A 178 15.16 0.31 -25.35
C ILE A 178 15.23 -0.33 -26.72
N HIS A 179 16.44 -0.62 -27.21
CA HIS A 179 16.56 -1.21 -28.54
C HIS A 179 16.06 -2.65 -28.59
N LYS A 180 16.00 -3.34 -27.45
CA LYS A 180 15.52 -4.70 -27.43
C LYS A 180 14.00 -4.80 -27.39
N MET A 181 13.30 -3.70 -27.10
CA MET A 181 11.85 -3.64 -27.23
C MET A 181 11.45 -3.52 -28.71
N GLY B 18 4.53 11.47 24.60
CA GLY B 18 3.45 11.94 25.46
C GLY B 18 2.21 12.22 24.65
N THR B 19 1.11 12.58 25.31
CA THR B 19 -0.18 12.70 24.64
C THR B 19 -0.53 14.14 24.28
N SER B 20 0.38 15.08 24.54
CA SER B 20 0.07 16.51 24.39
C SER B 20 -0.28 16.86 22.97
N LYS B 21 0.44 16.28 22.02
CA LYS B 21 0.22 16.56 20.60
C LYS B 21 -1.10 15.99 20.14
N LEU B 22 -1.36 14.72 20.46
CA LEU B 22 -2.65 14.12 20.12
C LEU B 22 -3.79 14.91 20.75
N LYS B 23 -3.68 15.22 22.04
CA LYS B 23 -4.75 15.94 22.71
C LYS B 23 -5.02 17.29 22.08
N TYR B 24 -3.99 17.93 21.52
CA TYR B 24 -4.20 19.20 20.84
C TYR B 24 -4.95 19.00 19.52
N VAL B 25 -4.61 17.93 18.78
CA VAL B 25 -5.31 17.63 17.52
C VAL B 25 -6.78 17.33 17.79
N LEU B 26 -7.07 16.58 18.86
CA LEU B 26 -8.43 16.17 19.20
C LEU B 26 -9.20 17.21 20.00
N GLN B 27 -8.58 18.33 20.35
CA GLN B 27 -9.35 19.39 20.96
C GLN B 27 -10.37 19.89 19.94
N ASP B 28 -11.63 19.99 20.36
CA ASP B 28 -12.68 20.48 19.47
C ASP B 28 -12.76 19.63 18.19
N ALA B 29 -12.91 18.32 18.38
CA ALA B 29 -12.96 17.38 17.27
C ALA B 29 -14.32 16.69 17.20
N ARG B 30 -14.64 16.19 16.01
CA ARG B 30 -15.77 15.29 15.81
C ARG B 30 -15.25 13.92 15.38
N PHE B 31 -15.99 12.89 15.77
CA PHE B 31 -15.53 11.51 15.60
C PHE B 31 -16.57 10.69 14.87
N PHE B 32 -16.11 9.85 13.95
CA PHE B 32 -17.02 8.99 13.20
C PHE B 32 -16.47 7.59 13.11
N LEU B 33 -17.30 6.62 13.47
CA LEU B 33 -17.02 5.22 13.24
C LEU B 33 -17.18 4.86 11.76
N ILE B 34 -16.11 4.33 11.16
CA ILE B 34 -16.15 3.78 9.81
C ILE B 34 -16.08 2.26 9.94
N LYS B 35 -17.10 1.57 9.41
CA LYS B 35 -17.10 0.11 9.33
C LYS B 35 -16.87 -0.28 7.87
N SER B 36 -15.84 -1.08 7.63
CA SER B 36 -15.54 -1.62 6.32
C SER B 36 -15.80 -3.12 6.35
N ASN B 37 -16.34 -3.64 5.26
CA ASN B 37 -16.63 -5.07 5.15
C ASN B 37 -15.52 -5.81 4.43
N ASN B 38 -14.33 -5.21 4.37
CA ASN B 38 -13.21 -5.82 3.65
C ASN B 38 -11.90 -5.15 4.04
N HIS B 39 -10.93 -5.94 4.49
CA HIS B 39 -9.61 -5.45 4.89
C HIS B 39 -8.86 -4.74 3.75
N GLU B 40 -9.06 -5.18 2.51
CA GLU B 40 -8.28 -4.67 1.39
C GLU B 40 -8.47 -3.18 1.20
N ASN B 41 -9.68 -2.67 1.48
CA ASN B 41 -9.94 -1.25 1.25
C ASN B 41 -9.32 -0.39 2.34
N VAL B 42 -9.23 -0.92 3.56
CA VAL B 42 -8.53 -0.24 4.62
C VAL B 42 -7.03 -0.20 4.33
N SER B 43 -6.47 -1.28 3.78
CA SER B 43 -5.06 -1.26 3.41
C SER B 43 -4.80 -0.19 2.37
N LEU B 44 -5.67 -0.11 1.36
CA LEU B 44 -5.55 0.91 0.32
C LEU B 44 -5.62 2.30 0.93
N ALA B 45 -6.64 2.53 1.75
CA ALA B 45 -6.85 3.82 2.41
C ALA B 45 -5.67 4.20 3.29
N LYS B 46 -4.99 3.21 3.87
CA LYS B 46 -3.84 3.51 4.72
C LYS B 46 -2.65 3.95 3.88
N ALA B 47 -2.40 3.25 2.77
CA ALA B 47 -1.24 3.57 1.92
C ALA B 47 -1.45 4.88 1.17
N LYS B 48 -2.69 5.16 0.73
CA LYS B 48 -2.92 6.30 -0.16
C LYS B 48 -3.47 7.53 0.56
N GLY B 49 -3.91 7.40 1.81
CA GLY B 49 -4.47 8.56 2.49
C GLY B 49 -5.79 9.05 1.92
N VAL B 50 -6.72 8.14 1.59
CA VAL B 50 -8.00 8.49 1.00
C VAL B 50 -9.09 7.64 1.63
N TRP B 51 -10.32 8.16 1.55
CA TRP B 51 -11.49 7.37 1.90
C TRP B 51 -12.69 7.90 1.13
N SER B 52 -13.65 7.01 0.89
CA SER B 52 -14.86 7.33 0.16
C SER B 52 -15.98 6.65 0.90
N THR B 53 -17.17 7.26 0.89
CA THR B 53 -18.27 6.65 1.63
C THR B 53 -19.59 7.00 0.95
N LEU B 54 -20.64 6.33 1.40
CA LEU B 54 -21.94 6.46 0.77
C LEU B 54 -22.49 7.88 0.96
N PRO B 55 -23.43 8.30 0.10
CA PRO B 55 -23.82 9.72 0.08
C PRO B 55 -24.37 10.25 1.40
N VAL B 56 -25.06 9.43 2.19
CA VAL B 56 -25.54 9.96 3.48
C VAL B 56 -24.36 10.26 4.40
N ASN B 57 -23.39 9.35 4.47
CA ASN B 57 -22.23 9.58 5.33
C ASN B 57 -21.29 10.62 4.73
N GLU B 58 -21.27 10.74 3.40
CA GLU B 58 -20.39 11.73 2.79
C GLU B 58 -20.88 13.13 3.07
N LYS B 59 -22.20 13.35 2.95
CA LYS B 59 -22.76 14.64 3.30
C LYS B 59 -22.44 14.97 4.76
N LYS B 60 -22.53 13.97 5.63
CA LYS B 60 -22.27 14.19 7.05
C LYS B 60 -20.82 14.56 7.29
N LEU B 61 -19.88 13.84 6.67
CA LEU B 61 -18.48 14.19 6.91
C LEU B 61 -18.16 15.57 6.36
N ASN B 62 -18.77 15.95 5.23
CA ASN B 62 -18.54 17.29 4.67
C ASN B 62 -19.09 18.37 5.59
N LEU B 63 -20.28 18.16 6.14
CA LEU B 63 -20.80 19.12 7.12
C LEU B 63 -19.91 19.18 8.35
N ALA B 64 -19.42 18.01 8.79
CA ALA B 64 -18.55 17.97 9.95
C ALA B 64 -17.23 18.70 9.67
N PHE B 65 -16.70 18.56 8.45
CA PHE B 65 -15.39 19.13 8.13
C PHE B 65 -15.37 20.64 8.30
N ARG B 66 -16.47 21.32 7.94
CA ARG B 66 -16.57 22.77 8.05
C ARG B 66 -17.06 23.22 9.43
N SER B 67 -17.37 22.31 10.32
CA SER B 67 -17.98 22.69 11.59
C SER B 67 -17.08 22.43 12.78
N ALA B 68 -15.94 21.78 12.58
CA ALA B 68 -15.07 21.40 13.68
C ALA B 68 -13.63 21.53 13.23
N ARG B 69 -12.73 21.76 14.20
CA ARG B 69 -11.32 21.95 13.88
C ARG B 69 -10.68 20.68 13.34
N SER B 70 -11.15 19.51 13.81
CA SER B 70 -10.67 18.21 13.35
C SER B 70 -11.88 17.29 13.13
N VAL B 71 -11.79 16.43 12.14
CA VAL B 71 -12.79 15.38 11.96
C VAL B 71 -12.05 14.07 11.90
N ILE B 72 -12.35 13.18 12.84
CA ILE B 72 -11.61 11.93 13.04
C ILE B 72 -12.47 10.77 12.55
N LEU B 73 -11.86 9.91 11.74
CA LEU B 73 -12.43 8.63 11.33
C LEU B 73 -11.70 7.51 12.04
N ILE B 74 -12.44 6.66 12.73
CA ILE B 74 -11.90 5.50 13.44
C ILE B 74 -12.42 4.28 12.72
N PHE B 75 -11.52 3.51 12.11
CA PHE B 75 -11.89 2.43 11.20
C PHE B 75 -12.02 1.09 11.92
N SER B 76 -13.00 0.29 11.50
CA SER B 76 -13.15 -1.08 11.98
C SER B 76 -13.61 -2.01 10.87
N VAL B 77 -12.85 -3.09 10.65
CA VAL B 77 -13.26 -4.12 9.70
C VAL B 77 -14.25 -5.05 10.38
N ARG B 78 -15.41 -5.22 9.74
CA ARG B 78 -16.46 -6.07 10.30
C ARG B 78 -15.93 -7.46 10.59
N GLU B 79 -16.32 -7.97 11.76
CA GLU B 79 -15.93 -9.28 12.28
C GLU B 79 -14.43 -9.42 12.47
N SER B 80 -13.68 -8.31 12.54
CA SER B 80 -12.30 -8.42 12.97
C SER B 80 -12.16 -8.36 14.49
N GLY B 81 -13.17 -7.85 15.19
CA GLY B 81 -13.06 -7.65 16.62
C GLY B 81 -12.06 -6.60 17.01
N LYS B 82 -11.67 -5.73 16.08
CA LYS B 82 -10.66 -4.71 16.34
C LYS B 82 -11.00 -3.44 15.61
N PHE B 83 -10.37 -2.36 16.05
CA PHE B 83 -10.17 -1.17 15.25
C PHE B 83 -8.84 -1.32 14.52
N GLN B 84 -8.70 -0.67 13.38
CA GLN B 84 -7.44 -0.77 12.64
C GLN B 84 -6.69 0.54 12.56
N GLY B 85 -7.11 1.55 13.31
CA GLY B 85 -6.45 2.84 13.32
C GLY B 85 -7.44 3.97 13.12
N PHE B 86 -6.90 5.18 13.09
CA PHE B 86 -7.75 6.35 12.91
C PHE B 86 -6.99 7.45 12.20
N ALA B 87 -7.76 8.41 11.69
CA ALA B 87 -7.27 9.38 10.73
C ALA B 87 -8.11 10.66 10.82
N ARG B 88 -7.56 11.73 10.27
CA ARG B 88 -8.16 13.06 10.35
C ARG B 88 -8.34 13.59 8.94
N LEU B 89 -9.59 13.89 8.57
CA LEU B 89 -9.86 14.46 7.25
C LEU B 89 -9.03 15.72 7.03
N SER B 90 -8.30 15.77 5.91
CA SER B 90 -7.66 17.01 5.51
C SER B 90 -8.45 17.78 4.46
N SER B 91 -9.38 17.13 3.74
CA SER B 91 -10.24 17.84 2.79
C SER B 91 -11.69 17.42 2.99
N GLU B 92 -12.61 18.21 2.44
CA GLU B 92 -13.92 17.67 2.13
C GLU B 92 -13.80 16.68 0.98
N SER B 93 -14.90 16.00 0.68
CA SER B 93 -14.95 15.12 -0.46
C SER B 93 -14.83 15.93 -1.76
N HIS B 94 -14.12 15.36 -2.74
CA HIS B 94 -13.86 16.01 -4.02
C HIS B 94 -14.02 14.99 -5.12
N HIS B 95 -14.76 15.35 -6.16
CA HIS B 95 -14.96 14.51 -7.33
C HIS B 95 -13.97 14.84 -8.43
N GLY B 96 -13.77 13.86 -9.31
CA GLY B 96 -13.05 14.09 -10.55
C GLY B 96 -11.56 13.87 -10.49
N GLY B 97 -11.02 13.42 -9.36
CA GLY B 97 -9.59 13.17 -9.22
C GLY B 97 -9.19 11.81 -9.72
N SER B 98 -7.96 11.43 -9.40
CA SER B 98 -7.45 10.12 -9.79
C SER B 98 -8.31 9.02 -9.19
N PRO B 99 -8.97 8.18 -10.01
CA PRO B 99 -9.96 7.24 -9.45
C PRO B 99 -9.31 6.21 -8.54
N ILE B 100 -9.82 6.13 -7.31
CA ILE B 100 -9.33 5.15 -6.34
C ILE B 100 -9.94 3.79 -6.69
N HIS B 101 -9.07 2.80 -6.89
CA HIS B 101 -9.54 1.49 -7.34
C HIS B 101 -9.94 0.64 -6.14
N TRP B 102 -11.03 1.06 -5.50
CA TRP B 102 -11.61 0.30 -4.40
C TRP B 102 -11.97 -1.11 -4.86
N VAL B 103 -11.94 -2.05 -3.91
CA VAL B 103 -12.53 -3.37 -4.10
C VAL B 103 -14.03 -3.19 -3.87
N LEU B 104 -14.79 -3.07 -4.95
CA LEU B 104 -16.19 -2.71 -4.82
C LEU B 104 -17.02 -3.92 -4.42
N PRO B 105 -17.83 -3.84 -3.34
CA PRO B 105 -18.63 -5.01 -2.94
C PRO B 105 -19.72 -5.30 -3.95
N ALA B 106 -20.50 -6.35 -3.71
CA ALA B 106 -21.45 -6.84 -4.70
C ALA B 106 -22.57 -5.83 -4.88
N GLY B 107 -22.76 -5.38 -6.12
CA GLY B 107 -23.80 -4.46 -6.48
C GLY B 107 -23.36 -3.00 -6.45
N MET B 108 -22.28 -2.67 -5.74
CA MET B 108 -21.82 -1.31 -5.68
C MET B 108 -21.16 -0.91 -7.01
N SER B 109 -21.35 0.34 -7.37
CA SER B 109 -20.65 1.02 -8.45
C SER B 109 -19.66 2.01 -7.89
N ALA B 110 -18.54 2.17 -8.60
CA ALA B 110 -17.62 3.25 -8.26
C ALA B 110 -18.36 4.56 -8.01
N LYS B 111 -19.37 4.85 -8.83
CA LYS B 111 -20.06 6.14 -8.82
C LYS B 111 -20.78 6.39 -7.50
N MET B 112 -21.41 5.38 -6.91
CA MET B 112 -22.16 5.67 -5.68
C MET B 112 -21.25 5.84 -4.47
N LEU B 113 -19.94 5.71 -4.63
CA LEU B 113 -19.01 5.99 -3.54
C LEU B 113 -18.58 7.44 -3.52
N GLY B 114 -19.12 8.26 -4.41
CA GLY B 114 -18.97 9.69 -4.32
C GLY B 114 -17.53 10.15 -4.54
N GLY B 115 -17.20 11.27 -3.90
CA GLY B 115 -15.87 11.80 -3.99
C GLY B 115 -14.95 11.21 -2.96
N VAL B 116 -13.72 11.68 -3.00
CA VAL B 116 -12.64 11.13 -2.20
C VAL B 116 -12.24 12.16 -1.16
N PHE B 117 -12.26 11.76 0.10
CA PHE B 117 -11.68 12.55 1.17
C PHE B 117 -10.21 12.27 1.20
N LYS B 118 -9.41 13.31 1.37
CA LYS B 118 -8.01 13.09 1.68
C LYS B 118 -7.86 13.07 3.19
N ILE B 119 -7.24 12.02 3.71
CA ILE B 119 -7.08 11.85 5.14
C ILE B 119 -5.61 11.67 5.53
N ASP B 120 -5.24 12.20 6.69
CA ASP B 120 -3.92 11.98 7.27
C ASP B 120 -4.08 10.97 8.41
N TRP B 121 -3.35 9.85 8.32
CA TRP B 121 -3.48 8.82 9.33
C TRP B 121 -2.75 9.24 10.58
N ILE B 122 -3.37 9.00 11.73
CA ILE B 122 -2.76 9.37 13.01
C ILE B 122 -2.23 8.12 13.67
N CYS B 123 -2.83 6.98 13.37
CA CYS B 123 -2.43 5.71 13.93
C CYS B 123 -2.92 4.61 13.01
N ARG B 124 -2.02 3.73 12.59
CA ARG B 124 -2.40 2.64 11.70
C ARG B 124 -2.33 1.29 12.39
N ARG B 125 -2.05 1.27 13.68
CA ARG B 125 -1.99 0.05 14.46
C ARG B 125 -3.36 -0.33 15.00
N GLU B 126 -3.53 -1.62 15.27
CA GLU B 126 -4.81 -2.16 15.72
C GLU B 126 -5.06 -1.93 17.21
N LEU B 127 -6.34 -1.85 17.55
CA LEU B 127 -6.81 -1.80 18.93
C LEU B 127 -7.94 -2.81 19.11
N PRO B 128 -7.72 -3.90 19.85
CA PRO B 128 -8.77 -4.90 20.03
C PRO B 128 -9.95 -4.34 20.80
N PHE B 129 -11.13 -4.90 20.52
CA PHE B 129 -12.33 -4.47 21.22
C PHE B 129 -12.22 -4.69 22.72
N THR B 130 -11.45 -5.70 23.15
CA THR B 130 -11.23 -5.93 24.57
C THR B 130 -10.60 -4.73 25.27
N LYS B 131 -9.91 -3.84 24.56
CA LYS B 131 -9.27 -2.70 25.20
C LYS B 131 -10.16 -1.46 25.24
N SER B 132 -11.32 -1.48 24.58
CA SER B 132 -12.24 -0.34 24.65
C SER B 132 -13.54 -0.70 25.35
N ALA B 133 -13.57 -1.81 26.10
CA ALA B 133 -14.83 -2.33 26.64
C ALA B 133 -15.40 -1.46 27.75
N HIS B 134 -14.60 -0.56 28.31
CA HIS B 134 -15.06 0.38 29.34
C HIS B 134 -15.64 1.67 28.76
N LEU B 135 -15.56 1.86 27.44
CA LEU B 135 -16.00 3.08 26.78
C LEU B 135 -17.37 2.88 26.16
N THR B 136 -18.28 3.81 26.44
CA THR B 136 -19.60 3.81 25.83
C THR B 136 -19.86 5.16 25.19
N ASN B 137 -20.64 5.15 24.11
CA ASN B 137 -20.89 6.35 23.32
C ASN B 137 -22.29 6.85 23.64
N PRO B 138 -22.42 7.98 24.35
CA PRO B 138 -23.75 8.46 24.71
C PRO B 138 -24.65 8.70 23.52
N TRP B 139 -24.07 9.08 22.37
CA TRP B 139 -24.81 9.36 21.15
C TRP B 139 -25.21 8.11 20.39
N ASN B 140 -24.84 6.93 20.89
CA ASN B 140 -25.43 5.68 20.41
C ASN B 140 -26.09 4.91 21.56
N GLU B 141 -27.00 5.58 22.29
CA GLU B 141 -27.75 4.98 23.39
C GLU B 141 -26.83 4.36 24.44
N HIS B 142 -25.64 4.94 24.62
CA HIS B 142 -24.69 4.59 25.68
C HIS B 142 -24.23 3.14 25.58
N LYS B 143 -24.22 2.63 24.36
CA LYS B 143 -23.71 1.30 24.06
C LYS B 143 -22.20 1.31 23.94
N PRO B 144 -21.54 0.17 24.13
CA PRO B 144 -20.09 0.13 23.95
C PRO B 144 -19.70 0.73 22.61
N VAL B 145 -18.56 1.42 22.60
CA VAL B 145 -18.21 2.24 21.45
C VAL B 145 -17.94 1.40 20.22
N LYS B 146 -17.55 0.14 20.40
CA LYS B 146 -17.39 -0.77 19.29
C LYS B 146 -18.70 -0.99 18.52
N ILE B 147 -19.85 -0.79 19.17
CA ILE B 147 -21.14 -0.99 18.52
C ILE B 147 -21.48 0.25 17.69
N GLY B 148 -21.90 0.04 16.46
CA GLY B 148 -22.22 1.16 15.62
C GLY B 148 -22.16 0.83 14.15
N ARG B 149 -22.99 1.50 13.37
CA ARG B 149 -23.01 1.30 11.93
C ARG B 149 -22.10 2.32 11.28
N ASP B 150 -21.67 2.00 10.06
CA ASP B 150 -20.80 2.86 9.27
C ASP B 150 -21.24 4.31 9.35
N GLY B 151 -20.34 5.19 9.82
CA GLY B 151 -20.66 6.60 9.96
C GLY B 151 -21.35 6.99 11.24
N GLN B 152 -21.53 6.05 12.20
CA GLN B 152 -22.01 6.41 13.52
C GLN B 152 -21.11 7.48 14.14
N GLU B 153 -21.68 8.60 14.54
CA GLU B 153 -20.89 9.63 15.20
C GLU B 153 -20.66 9.28 16.66
N ILE B 154 -19.45 9.54 17.14
CA ILE B 154 -19.04 9.27 18.51
C ILE B 154 -18.87 10.60 19.23
N GLU B 155 -19.50 10.73 20.40
CA GLU B 155 -19.44 11.94 21.23
C GLU B 155 -17.99 12.27 21.60
N LEU B 156 -17.75 13.54 21.90
CA LEU B 156 -16.39 14.09 22.00
C LEU B 156 -15.55 13.38 23.06
N GLU B 157 -16.05 13.30 24.29
CA GLU B 157 -15.21 12.70 25.32
C GLU B 157 -14.94 11.24 25.02
N CYS B 158 -15.98 10.52 24.60
CA CYS B 158 -15.81 9.11 24.32
C CYS B 158 -14.89 8.86 23.13
N GLY B 159 -14.97 9.70 22.10
CA GLY B 159 -14.09 9.52 20.94
C GLY B 159 -12.65 9.85 21.24
N THR B 160 -12.42 10.97 21.96
CA THR B 160 -11.08 11.31 22.43
C THR B 160 -10.46 10.17 23.21
N GLN B 161 -11.23 9.58 24.12
CA GLN B 161 -10.69 8.54 25.00
C GLN B 161 -10.39 7.26 24.22
N LEU B 162 -11.21 6.93 23.22
CA LEU B 162 -10.90 5.80 22.37
C LEU B 162 -9.61 6.03 21.60
N CYS B 163 -9.42 7.25 21.11
CA CYS B 163 -8.23 7.55 20.34
C CYS B 163 -6.97 7.41 21.18
N LEU B 164 -7.07 7.77 22.47
CA LEU B 164 -5.92 7.73 23.37
C LEU B 164 -5.55 6.29 23.73
N LEU B 165 -6.47 5.34 23.59
CA LEU B 165 -6.16 3.94 23.85
C LEU B 165 -5.24 3.34 22.79
N PHE B 166 -5.15 3.97 21.61
CA PHE B 166 -4.34 3.41 20.54
C PHE B 166 -2.85 3.54 20.87
N PRO B 167 -2.06 2.52 20.57
CA PRO B 167 -0.64 2.59 20.85
C PRO B 167 0.04 3.52 19.87
N PRO B 168 1.20 4.10 20.24
CA PRO B 168 1.89 5.03 19.34
C PRO B 168 2.30 4.35 18.05
N ASP B 169 2.18 5.07 16.94
CA ASP B 169 2.59 4.57 15.64
C ASP B 169 3.89 5.23 15.23
N GLU B 170 4.97 4.44 15.16
CA GLU B 170 6.32 4.94 14.90
C GLU B 170 6.51 5.42 13.47
N SER B 171 5.61 5.04 12.56
CA SER B 171 5.70 5.44 11.18
C SER B 171 5.00 6.74 10.91
N ILE B 172 4.28 7.28 11.89
CA ILE B 172 3.50 8.48 11.69
C ILE B 172 4.14 9.62 12.44
N ASP B 173 4.19 10.78 11.81
CA ASP B 173 4.74 12.00 12.36
C ASP B 173 3.59 13.00 12.42
N LEU B 174 3.17 13.36 13.62
CA LEU B 174 2.01 14.23 13.76
C LEU B 174 2.24 15.63 13.21
N TYR B 175 3.49 15.95 12.87
CA TYR B 175 3.86 17.29 12.41
C TYR B 175 2.97 17.77 11.28
N GLN B 176 2.77 16.92 10.27
CA GLN B 176 2.02 17.37 9.10
C GLN B 176 0.59 17.74 9.47
N VAL B 177 -0.07 16.92 10.29
CA VAL B 177 -1.42 17.25 10.73
C VAL B 177 -1.44 18.54 11.53
N ILE B 178 -0.51 18.68 12.48
CA ILE B 178 -0.44 19.88 13.28
C ILE B 178 -0.19 21.11 12.40
N HIS B 179 0.73 21.00 11.45
CA HIS B 179 1.05 22.18 10.63
C HIS B 179 -0.12 22.64 9.77
N LYS B 180 -1.14 21.80 9.56
CA LYS B 180 -2.34 22.20 8.85
C LYS B 180 -3.57 22.30 9.79
N MET B 181 -3.39 22.91 10.95
CA MET B 181 -4.55 23.29 11.76
C MET B 181 -4.47 24.77 12.13
S SO4 C . 17.07 10.34 -19.74
O1 SO4 C . 18.20 10.32 -18.82
O2 SO4 C . 16.19 11.45 -19.41
O3 SO4 C . 17.51 10.54 -21.11
O4 SO4 C . 16.42 9.06 -19.62
S SO4 D . -0.73 -13.53 -9.33
O1 SO4 D . -1.05 -14.19 -8.06
O2 SO4 D . -1.18 -12.14 -9.25
O3 SO4 D . 0.74 -13.57 -9.54
O4 SO4 D . -1.43 -14.18 -10.45
CAA M5H E . -14.72 1.09 -0.70
CAB M5H E . -15.66 0.04 -0.61
CAC M5H E . -14.93 2.22 0.07
CAD M5H E . -16.74 0.11 0.23
CAE M5H E . -20.88 -0.62 2.19
CAF M5H E . -21.09 0.40 3.38
CAK M5H E . -19.21 0.89 2.50
CAL M5H E . -18.02 1.68 1.98
CAM M5H E . -16.05 2.29 0.93
CAN M5H E . -16.96 1.25 1.02
NAG M5H E . -19.94 -0.11 1.47
NAH M5H E . -17.66 2.83 2.39
NAI M5H E . -20.24 1.53 2.86
NAJ M5H E . -16.51 3.23 1.78
S SO4 F . -23.23 -0.83 7.70
O1 SO4 F . -23.19 -0.85 9.17
O2 SO4 F . -24.02 0.27 7.18
O3 SO4 F . -21.83 -0.72 7.28
O4 SO4 F . -23.82 -2.07 7.18
S SO4 G . -0.17 -3.59 14.45
O1 SO4 G . 0.14 -3.07 15.78
O2 SO4 G . 0.52 -2.82 13.42
O3 SO4 G . -1.61 -3.50 14.18
O4 SO4 G . 0.28 -4.98 14.35
S SO4 H . 4.90 -0.66 21.25
O1 SO4 H . 4.78 -1.17 22.61
O2 SO4 H . 5.02 0.80 21.27
O3 SO4 H . 6.09 -1.20 20.59
O4 SO4 H . 3.70 -1.11 20.54
#